data_5NPT
#
_entry.id   5NPT
#
_cell.length_a   38.195
_cell.length_b   64.098
_cell.length_c   126.064
_cell.angle_alpha   90.00
_cell.angle_beta   90.00
_cell.angle_gamma   90.00
#
_symmetry.space_group_name_H-M   'I 21 21 21'
#
loop_
_entity.id
_entity.type
_entity.pdbx_description
1 polymer 'Telomerase reverse transcriptase'
2 water water
#
_entity_poly.entity_id   1
_entity_poly.type   'polypeptide(L)'
_entity_poly.pdbx_seq_one_letter_code
;MRFDQYVDENKSSDDFEPLIHDLFETRWHGTGREIWIERVKDRKIPSTLVKPNYSHEELIDMLIGYLADNRYENALINGL
VTGDDLEIANSYGFKGRNAVTNLLKSPEFRLVHTIIGTETFLDLLINYSARMGNVYLWGELNESNYKTQCKSSENLYFQ
;
_entity_poly.pdbx_strand_id   A
#
# COMPACT_ATOMS: atom_id res chain seq x y z
N MET A 1 2.18 -10.24 -9.95
CA MET A 1 1.96 -9.04 -10.80
C MET A 1 2.87 -7.88 -10.34
N ARG A 2 3.42 -7.16 -11.32
CA ARG A 2 4.33 -6.02 -11.08
C ARG A 2 3.52 -4.81 -10.59
N PHE A 3 4.07 -4.01 -9.68
CA PHE A 3 3.37 -2.87 -9.07
C PHE A 3 2.70 -1.87 -10.04
N ASP A 4 3.33 -1.62 -11.20
CA ASP A 4 2.75 -0.69 -12.22
C ASP A 4 1.41 -1.15 -12.79
N GLN A 5 1.34 -2.46 -13.05
CA GLN A 5 0.18 -3.15 -13.60
C GLN A 5 -0.94 -3.25 -12.57
N TYR A 6 -0.57 -3.38 -11.28
CA TYR A 6 -1.54 -3.32 -10.17
C TYR A 6 -2.21 -1.94 -10.16
N VAL A 7 -1.40 -0.88 -10.19
CA VAL A 7 -1.90 0.50 -10.19
C VAL A 7 -2.66 0.82 -11.46
N ASP A 8 -2.15 0.40 -12.62
CA ASP A 8 -2.93 0.52 -13.85
C ASP A 8 -4.29 -0.19 -13.77
N GLU A 9 -4.36 -1.38 -13.21
CA GLU A 9 -5.65 -2.10 -13.11
C GLU A 9 -6.60 -1.59 -12.03
N ASN A 10 -6.11 -0.83 -11.05
CA ASN A 10 -6.94 -0.43 -9.90
C ASN A 10 -7.18 1.09 -9.78
N LYS A 11 -6.86 1.83 -10.86
CA LYS A 11 -7.23 3.23 -11.00
C LYS A 11 -8.70 3.38 -10.79
N SER A 12 -9.10 4.45 -10.11
CA SER A 12 -10.52 4.76 -9.93
C SER A 12 -11.08 5.40 -11.18
N SER A 13 -10.21 5.88 -12.06
CA SER A 13 -10.63 6.67 -13.21
C SER A 13 -9.62 6.62 -14.35
N ASP A 14 -10.14 6.54 -15.58
CA ASP A 14 -9.33 6.75 -16.79
C ASP A 14 -8.61 8.12 -16.86
N ASP A 15 -9.03 9.09 -16.06
CA ASP A 15 -8.47 10.42 -16.12
C ASP A 15 -7.26 10.70 -15.17
N PHE A 16 -6.69 9.67 -14.52
CA PHE A 16 -5.44 9.85 -13.74
C PHE A 16 -4.17 9.49 -14.53
N GLU A 17 -4.32 9.13 -15.81
CA GLU A 17 -3.15 8.83 -16.68
C GLU A 17 -1.94 9.79 -16.54
N PRO A 18 -2.20 11.13 -16.47
CA PRO A 18 -1.07 12.04 -16.21
C PRO A 18 -0.28 11.79 -14.90
N LEU A 19 -0.96 11.32 -13.84
CA LEU A 19 -0.27 10.97 -12.60
C LEU A 19 0.47 9.63 -12.70
N ILE A 20 -0.17 8.62 -13.26
CA ILE A 20 0.41 7.29 -13.48
C ILE A 20 1.74 7.39 -14.24
N HIS A 21 1.69 8.15 -15.32
CA HIS A 21 2.88 8.43 -16.14
C HIS A 21 3.95 9.15 -15.31
N ASP A 22 3.55 10.17 -14.56
CA ASP A 22 4.48 10.92 -13.73
C ASP A 22 5.14 10.09 -12.63
N LEU A 23 4.37 9.22 -12.00
CA LEU A 23 4.89 8.36 -10.99
C LEU A 23 5.90 7.35 -11.56
N PHE A 24 5.45 6.59 -12.56
CA PHE A 24 6.18 5.41 -13.03
C PHE A 24 7.26 5.74 -14.01
N GLU A 25 6.94 6.52 -15.05
CA GLU A 25 7.91 6.85 -16.06
C GLU A 25 8.84 8.00 -15.57
N THR A 26 8.29 9.08 -15.02
CA THR A 26 9.12 10.22 -14.62
C THR A 26 9.78 9.94 -13.27
N ARG A 27 8.98 9.67 -12.25
CA ARG A 27 9.47 9.66 -10.87
C ARG A 27 10.09 8.31 -10.44
N TRP A 28 9.85 7.23 -11.18
CA TRP A 28 10.50 5.93 -10.88
C TRP A 28 11.30 5.33 -12.06
N HIS A 29 12.11 6.18 -12.70
CA HIS A 29 13.09 5.76 -13.72
C HIS A 29 14.05 4.72 -13.13
N ARG A 33 15.04 -1.55 -8.18
CA ARG A 33 14.35 -2.85 -8.14
C ARG A 33 12.80 -2.68 -8.16
N GLU A 34 12.12 -3.66 -8.74
CA GLU A 34 10.67 -3.61 -8.93
C GLU A 34 9.96 -4.19 -7.72
N ILE A 35 8.67 -3.92 -7.62
CA ILE A 35 7.81 -4.45 -6.58
C ILE A 35 6.81 -5.43 -7.20
N TRP A 36 6.66 -6.59 -6.55
CA TRP A 36 5.80 -7.66 -7.03
C TRP A 36 4.68 -7.84 -6.02
N ILE A 37 3.48 -8.05 -6.52
CA ILE A 37 2.24 -7.90 -5.79
C ILE A 37 1.45 -9.18 -5.98
N GLU A 38 1.01 -9.78 -4.88
CA GLU A 38 0.16 -10.95 -4.95
C GLU A 38 -0.93 -10.83 -3.90
N ARG A 39 -2.16 -11.25 -4.25
CA ARG A 39 -3.24 -11.29 -3.29
C ARG A 39 -3.01 -12.49 -2.42
N VAL A 40 -3.19 -12.28 -1.13
CA VAL A 40 -2.80 -13.19 -0.10
C VAL A 40 -3.91 -13.39 0.99
N LYS A 41 -4.85 -12.44 1.17
CA LYS A 41 -6.03 -12.60 2.04
C LYS A 41 -7.26 -11.93 1.43
N ASP A 42 -8.42 -12.11 2.04
CA ASP A 42 -9.55 -11.21 1.84
C ASP A 42 -10.12 -10.70 3.16
N ARG A 43 -9.27 -10.13 4.01
CA ARG A 43 -9.74 -9.47 5.23
C ARG A 43 -10.64 -8.30 4.89
N LYS A 44 -11.56 -8.06 5.79
CA LYS A 44 -12.39 -6.88 5.81
C LYS A 44 -11.55 -5.63 5.84
N ILE A 45 -11.93 -4.67 5.02
CA ILE A 45 -11.42 -3.31 5.11
C ILE A 45 -12.29 -2.62 6.15
N PRO A 46 -11.72 -2.29 7.31
CA PRO A 46 -12.50 -1.76 8.41
C PRO A 46 -13.00 -0.32 8.16
N SER A 47 -14.23 -0.05 8.60
CA SER A 47 -14.77 1.29 8.45
C SER A 47 -14.12 2.38 9.34
N THR A 48 -13.50 2.05 10.50
CA THR A 48 -12.68 3.04 11.29
C THR A 48 -11.60 3.72 10.44
N LEU A 49 -11.14 3.03 9.40
CA LEU A 49 -10.11 3.53 8.52
C LEU A 49 -10.66 4.21 7.28
N VAL A 50 -11.68 3.64 6.68
CA VAL A 50 -12.29 4.17 5.48
C VAL A 50 -13.15 5.38 5.79
N LYS A 51 -13.94 5.37 6.85
CA LYS A 51 -14.93 6.47 7.05
C LYS A 51 -14.36 7.85 7.37
N PRO A 52 -13.43 7.98 8.34
CA PRO A 52 -12.99 9.34 8.66
C PRO A 52 -12.16 9.98 7.55
N ASN A 53 -11.97 11.31 7.58
CA ASN A 53 -11.19 12.03 6.53
C ASN A 53 -9.76 12.26 6.92
N TYR A 54 -9.01 11.17 6.94
CA TYR A 54 -7.60 11.17 7.34
C TYR A 54 -6.77 11.68 6.20
N SER A 55 -5.70 12.39 6.52
CA SER A 55 -4.63 12.65 5.54
C SER A 55 -3.90 11.33 5.22
N HIS A 56 -3.12 11.38 4.15
CA HIS A 56 -2.35 10.25 3.76
C HIS A 56 -1.50 9.71 4.93
N GLU A 57 -0.70 10.56 5.59
CA GLU A 57 0.19 10.14 6.72
C GLU A 57 -0.58 9.54 7.89
N GLU A 58 -1.65 10.22 8.30
CA GLU A 58 -2.54 9.72 9.35
C GLU A 58 -3.15 8.35 9.06
N LEU A 59 -3.56 8.13 7.82
CA LEU A 59 -4.14 6.87 7.42
C LEU A 59 -3.13 5.72 7.62
N ILE A 60 -1.91 5.94 7.22
CA ILE A 60 -0.89 4.95 7.35
C ILE A 60 -0.75 4.64 8.84
N ASP A 61 -0.64 5.69 9.65
CA ASP A 61 -0.49 5.54 11.12
C ASP A 61 -1.63 4.75 11.76
N MET A 62 -2.85 5.05 11.31
CA MET A 62 -4.04 4.43 11.77
C MET A 62 -4.06 2.99 11.28
N LEU A 63 -3.55 2.73 10.08
CA LEU A 63 -3.40 1.37 9.59
C LEU A 63 -2.44 0.53 10.42
N ILE A 64 -1.28 1.07 10.77
CA ILE A 64 -0.35 0.36 11.61
C ILE A 64 -1.06 -0.01 12.94
N GLY A 65 -1.75 0.92 13.57
CA GLY A 65 -2.39 0.66 14.86
C GLY A 65 -3.40 -0.47 14.81
N TYR A 66 -4.25 -0.39 13.79
CA TYR A 66 -5.29 -1.37 13.57
C TYR A 66 -4.69 -2.75 13.36
N LEU A 67 -3.60 -2.88 12.58
CA LEU A 67 -2.98 -4.18 12.39
C LEU A 67 -2.39 -4.69 13.70
N ALA A 68 -1.76 -3.79 14.46
CA ALA A 68 -1.13 -4.10 15.73
C ALA A 68 -2.12 -4.43 16.86
N ASP A 69 -3.23 -3.72 16.89
CA ASP A 69 -4.29 -3.93 17.89
C ASP A 69 -5.00 -5.27 17.69
N ASN A 70 -5.08 -5.71 16.43
CA ASN A 70 -5.65 -7.01 16.10
C ASN A 70 -4.62 -8.16 16.04
N ARG A 71 -3.32 -7.86 16.19
CA ARG A 71 -2.25 -8.86 16.12
C ARG A 71 -2.22 -9.61 14.77
N TYR A 72 -2.51 -8.91 13.68
CA TYR A 72 -2.36 -9.46 12.34
C TYR A 72 -0.89 -9.44 11.95
N GLU A 73 -0.39 -10.58 11.50
CA GLU A 73 1.04 -10.76 11.28
C GLU A 73 1.38 -10.31 9.86
N ASN A 74 1.35 -9.00 9.69
CA ASN A 74 1.56 -8.37 8.42
C ASN A 74 2.95 -7.87 8.57
N ALA A 75 3.80 -8.17 7.57
CA ALA A 75 5.18 -7.75 7.57
C ALA A 75 5.33 -6.24 7.82
N LEU A 76 4.35 -5.43 7.42
CA LEU A 76 4.40 -3.99 7.76
C LEU A 76 4.74 -3.75 9.22
N ILE A 77 4.30 -4.63 10.12
CA ILE A 77 4.59 -4.45 11.55
C ILE A 77 5.33 -5.58 12.28
N ASN A 78 5.25 -6.82 11.82
CA ASN A 78 6.02 -7.92 12.43
C ASN A 78 7.24 -8.28 11.56
N GLY A 79 7.50 -7.50 10.51
CA GLY A 79 8.63 -7.71 9.65
C GLY A 79 9.93 -7.86 10.42
N LEU A 80 10.77 -8.76 9.94
CA LEU A 80 12.06 -9.03 10.54
C LEU A 80 13.18 -8.04 10.09
N VAL A 81 12.86 -6.95 9.38
CA VAL A 81 13.85 -6.06 8.68
C VAL A 81 13.54 -4.55 8.74
N THR A 82 14.56 -3.70 8.94
CA THR A 82 14.42 -2.21 8.89
C THR A 82 15.68 -1.50 8.37
N GLY A 83 16.80 -1.72 9.04
CA ARG A 97 7.73 -0.74 10.09
C ARG A 97 8.50 0.45 9.54
N ASN A 98 9.37 1.06 10.37
CA ASN A 98 10.06 2.36 10.09
C ASN A 98 10.39 2.74 8.62
N ALA A 99 11.32 2.07 7.93
CA ALA A 99 11.66 2.48 6.53
C ALA A 99 10.54 2.22 5.54
N VAL A 100 9.76 1.18 5.79
CA VAL A 100 8.62 0.87 4.95
C VAL A 100 7.48 1.89 5.14
N THR A 101 7.24 2.27 6.38
CA THR A 101 6.19 3.23 6.64
C THR A 101 6.66 4.58 6.19
N ASN A 102 7.95 4.86 6.32
CA ASN A 102 8.49 6.06 5.66
C ASN A 102 8.31 6.08 4.16
N LEU A 103 8.53 4.94 3.53
CA LEU A 103 8.24 4.78 2.10
C LEU A 103 6.73 4.97 1.81
N LEU A 104 5.89 4.26 2.53
CA LEU A 104 4.46 4.40 2.38
C LEU A 104 3.99 5.83 2.60
N LYS A 105 4.70 6.62 3.40
CA LYS A 105 4.33 8.04 3.62
C LYS A 105 4.93 8.99 2.55
N SER A 106 5.75 8.47 1.65
CA SER A 106 6.50 9.32 0.73
C SER A 106 5.58 9.91 -0.32
N PRO A 107 5.91 11.09 -0.87
CA PRO A 107 5.09 11.64 -1.98
C PRO A 107 4.69 10.63 -3.08
N GLU A 108 5.53 9.64 -3.33
CA GLU A 108 5.30 8.68 -4.40
C GLU A 108 4.10 7.75 -4.07
N PHE A 109 4.06 7.25 -2.82
CA PHE A 109 2.94 6.40 -2.41
C PHE A 109 1.67 7.20 -2.10
N ARG A 110 1.83 8.49 -1.80
CA ARG A 110 0.69 9.44 -1.69
C ARG A 110 -0.05 9.52 -3.04
N LEU A 111 0.68 9.64 -4.15
CA LEU A 111 0.10 9.57 -5.50
C LEU A 111 -0.59 8.27 -5.80
N VAL A 112 0.03 7.16 -5.41
CA VAL A 112 -0.58 5.85 -5.52
C VAL A 112 -1.94 5.83 -4.83
N HIS A 113 -1.98 6.36 -3.62
CA HIS A 113 -3.22 6.48 -2.88
C HIS A 113 -4.31 7.29 -3.66
N THR A 114 -3.94 8.50 -4.14
CA THR A 114 -4.81 9.38 -4.93
C THR A 114 -5.37 8.65 -6.18
N ILE A 115 -4.50 7.98 -6.91
CA ILE A 115 -4.85 7.23 -8.10
C ILE A 115 -5.84 6.06 -7.88
N ILE A 116 -5.66 5.31 -6.79
CA ILE A 116 -6.47 4.10 -6.64
C ILE A 116 -7.63 4.26 -5.65
N GLY A 117 -7.55 5.34 -4.84
CA GLY A 117 -8.51 5.58 -3.75
C GLY A 117 -8.14 4.86 -2.47
N THR A 118 -8.76 5.31 -1.39
CA THR A 118 -8.53 4.85 -0.04
C THR A 118 -8.79 3.38 0.21
N GLU A 119 -9.94 2.92 -0.21
CA GLU A 119 -10.39 1.57 0.07
C GLU A 119 -9.48 0.55 -0.61
N THR A 120 -9.08 0.86 -1.84
CA THR A 120 -8.21 0.02 -2.59
C THR A 120 -6.77 0.09 -2.03
N PHE A 121 -6.30 1.27 -1.66
CA PHE A 121 -5.01 1.43 -1.02
C PHE A 121 -4.98 0.60 0.26
N LEU A 122 -6.06 0.62 1.06
CA LEU A 122 -6.09 -0.15 2.28
C LEU A 122 -6.10 -1.66 1.95
N ASP A 123 -6.87 -2.07 0.95
CA ASP A 123 -6.87 -3.47 0.47
C ASP A 123 -5.45 -3.92 0.11
N LEU A 124 -4.74 -3.05 -0.60
CA LEU A 124 -3.38 -3.32 -1.04
C LEU A 124 -2.47 -3.66 0.14
N LEU A 125 -2.58 -2.88 1.21
CA LEU A 125 -1.73 -3.09 2.37
C LEU A 125 -2.20 -4.26 3.26
N ILE A 126 -3.50 -4.49 3.33
CA ILE A 126 -4.02 -5.49 4.24
C ILE A 126 -3.99 -6.93 3.67
N ASN A 127 -4.33 -7.05 2.40
CA ASN A 127 -4.64 -8.31 1.76
C ASN A 127 -3.67 -8.68 0.64
N TYR A 128 -2.70 -7.84 0.30
CA TYR A 128 -1.70 -8.20 -0.68
C TYR A 128 -0.32 -8.27 -0.03
N SER A 129 0.61 -8.94 -0.70
CA SER A 129 2.03 -8.95 -0.29
C SER A 129 2.76 -8.12 -1.31
N ALA A 130 3.82 -7.46 -0.87
CA ALA A 130 4.70 -6.71 -1.80
C ALA A 130 6.13 -7.14 -1.55
N ARG A 131 6.80 -7.60 -2.60
CA ARG A 131 8.14 -8.13 -2.53
C ARG A 131 9.12 -7.22 -3.27
N MET A 132 10.16 -6.78 -2.56
CA MET A 132 11.30 -6.18 -3.21
C MET A 132 12.56 -7.01 -2.94
N GLY A 133 13.19 -7.51 -4.00
CA GLY A 133 14.37 -8.40 -3.92
C GLY A 133 13.95 -9.60 -3.08
N ASN A 134 14.65 -9.78 -1.95
CA ASN A 134 14.40 -10.96 -1.12
C ASN A 134 13.62 -10.65 0.15
N VAL A 135 12.88 -9.52 0.14
CA VAL A 135 12.14 -9.00 1.31
C VAL A 135 10.69 -8.56 0.93
N TYR A 136 9.76 -8.89 1.82
CA TYR A 136 8.39 -8.51 1.71
C TYR A 136 8.25 -7.20 2.46
N LEU A 137 7.86 -6.17 1.75
CA LEU A 137 7.67 -4.86 2.34
C LEU A 137 6.43 -4.87 3.21
N TRP A 138 5.39 -5.54 2.75
CA TRP A 138 4.21 -5.72 3.55
C TRP A 138 3.49 -7.00 3.13
N GLY A 139 2.55 -7.43 3.95
CA GLY A 139 1.74 -8.61 3.65
C GLY A 139 1.69 -9.60 4.77
N GLU A 140 0.62 -10.35 4.76
CA GLU A 140 0.44 -11.39 5.74
C GLU A 140 0.63 -12.72 5.04
N LEU A 141 1.68 -13.46 5.39
CA LEU A 141 2.03 -14.72 4.72
C LEU A 141 1.65 -15.92 5.66
N ASN A 142 1.32 -17.08 5.09
CA ASN A 142 1.10 -18.30 5.92
C ASN A 142 1.26 -19.59 5.13
N GLU A 143 2.35 -20.32 5.38
#